data_5RZX
#
_entry.id   5RZX
#
_cell.length_a   38.290
_cell.length_b   76.780
_cell.length_c   100.230
_cell.angle_alpha   90.000
_cell.angle_beta   90.000
_cell.angle_gamma   90.000
#
_symmetry.space_group_name_H-M   'P 21 21 21'
#
loop_
_entity.id
_entity.type
_entity.pdbx_description
1 polymer 'Isoform 2 of Band 4.1-like protein 3'
2 non-polymer 3-(diethylamino)phenol
3 non-polymer 'DIMETHYL SULFOXIDE'
4 non-polymer 1,2-ETHANEDIOL
5 water water
#
_entity_poly.entity_id   1
_entity_poly.type   'polypeptide(L)'
_entity_poly.pdbx_seq_one_letter_code
;SMPKSMQCKVILLDGSEYTCDVEKRSRGQVLFDKVCEHLNLLEKDYFGLTYRDAENQKNWLDPAKEIKKQVRSGAWHFSF
NVKFYPPDPAQLSEDITRYYLCLQLRDDIVSGRLPCSFVTLALLGSYTVQSELGDYDPDECGSDYISEFRFAPNHTKELE
DKVIELHKSHRGMTPAEAEMHFLENAKKLSMYGVDLHHAKDSEGVEIMLGVCASGLLIYRDRLRINRFAWPKVLKISYKR
NNFYIKIRPGEFEQFESTIGFKLPNHRAAKRLWKVCVEHHTFFRLL
;
_entity_poly.pdbx_strand_id   A
#
# COMPACT_ATOMS: atom_id res chain seq x y z
N PRO A 3 -0.64 31.89 -17.79
CA PRO A 3 -0.78 30.49 -17.31
C PRO A 3 -0.50 30.37 -15.80
N LYS A 4 -1.54 30.16 -15.00
CA LYS A 4 -1.46 30.25 -13.52
C LYS A 4 -1.03 28.91 -12.96
N SER A 5 -0.07 28.94 -12.02
N SER A 5 -0.02 28.93 -12.08
CA SER A 5 0.56 27.73 -11.46
CA SER A 5 0.57 27.73 -11.45
C SER A 5 0.23 27.59 -9.96
C SER A 5 0.02 27.59 -10.02
N MET A 6 0.01 26.35 -9.50
CA MET A 6 -0.32 26.06 -8.09
C MET A 6 0.89 25.34 -7.50
N GLN A 7 1.29 25.71 -6.29
CA GLN A 7 2.33 25.01 -5.53
C GLN A 7 1.78 23.66 -5.07
N CYS A 8 2.53 22.61 -5.30
CA CYS A 8 2.24 21.25 -4.82
C CYS A 8 3.29 20.85 -3.78
N LYS A 9 2.85 20.23 -2.70
CA LYS A 9 3.75 19.60 -1.72
C LYS A 9 3.44 18.10 -1.65
N VAL A 10 4.48 17.29 -1.73
CA VAL A 10 4.36 15.82 -1.77
C VAL A 10 5.24 15.23 -0.69
N ILE A 11 4.66 14.48 0.24
CA ILE A 11 5.44 13.68 1.21
C ILE A 11 5.91 12.43 0.48
N LEU A 12 7.21 12.23 0.48
CA LEU A 12 7.87 11.05 -0.11
C LEU A 12 8.00 9.97 0.94
N LEU A 13 8.28 8.76 0.49
CA LEU A 13 8.27 7.56 1.33
C LEU A 13 9.43 7.58 2.33
N ASP A 14 10.48 8.39 2.12
CA ASP A 14 11.53 8.58 3.17
C ASP A 14 11.10 9.66 4.18
N GLY A 15 9.89 10.21 4.08
CA GLY A 15 9.42 11.29 4.96
C GLY A 15 9.86 12.68 4.50
N SER A 16 10.75 12.80 3.51
CA SER A 16 11.15 14.10 2.92
C SER A 16 9.96 14.72 2.17
N GLU A 17 10.02 16.02 1.89
CA GLU A 17 8.92 16.78 1.24
C GLU A 17 9.43 17.34 -0.09
N TYR A 18 8.78 16.99 -1.19
CA TYR A 18 9.08 17.52 -2.54
C TYR A 18 8.07 18.65 -2.78
N THR A 19 8.54 19.80 -3.24
CA THR A 19 7.69 20.94 -3.64
C THR A 19 7.93 21.24 -5.12
N CYS A 20 6.87 21.46 -5.87
CA CYS A 20 6.93 21.87 -7.29
C CYS A 20 5.68 22.65 -7.60
N ASP A 21 5.61 23.20 -8.81
CA ASP A 21 4.43 23.94 -9.31
C ASP A 21 3.91 23.20 -10.52
N VAL A 22 2.59 23.21 -10.72
CA VAL A 22 1.99 22.77 -12.01
C VAL A 22 0.94 23.81 -12.38
N GLU A 23 0.58 23.89 -13.65
CA GLU A 23 -0.51 24.80 -14.11
C GLU A 23 -1.76 24.37 -13.35
N LYS A 24 -2.62 25.32 -12.96
CA LYS A 24 -3.81 25.06 -12.10
C LYS A 24 -4.79 24.09 -12.78
N ARG A 25 -4.82 23.98 -14.12
CA ARG A 25 -5.75 23.07 -14.85
C ARG A 25 -5.11 21.70 -15.10
N SER A 26 -3.95 21.43 -14.53
CA SER A 26 -3.16 20.20 -14.80
C SER A 26 -3.96 18.97 -14.36
N ARG A 27 -3.85 17.87 -15.12
CA ARG A 27 -4.28 16.52 -14.70
C ARG A 27 -3.25 15.96 -13.72
N GLY A 28 -3.66 15.02 -12.88
CA GLY A 28 -2.80 14.41 -11.85
C GLY A 28 -1.48 13.94 -12.45
N GLN A 29 -1.54 13.34 -13.65
CA GLN A 29 -0.36 12.73 -14.30
C GLN A 29 0.79 13.74 -14.36
N VAL A 30 0.47 15.01 -14.61
CA VAL A 30 1.50 16.09 -14.74
C VAL A 30 2.32 16.16 -13.44
N LEU A 31 1.65 16.19 -12.29
CA LEU A 31 2.35 16.23 -10.97
C LEU A 31 3.08 14.92 -10.73
N PHE A 32 2.44 13.80 -11.04
CA PHE A 32 3.03 12.47 -10.76
C PHE A 32 4.33 12.32 -11.56
N ASP A 33 4.34 12.77 -12.82
CA ASP A 33 5.54 12.70 -13.68
C ASP A 33 6.69 13.46 -13.03
N LYS A 34 6.41 14.68 -12.51
CA LYS A 34 7.43 15.52 -11.85
C LYS A 34 7.98 14.79 -10.63
N VAL A 35 7.09 14.20 -9.82
CA VAL A 35 7.55 13.45 -8.62
C VAL A 35 8.41 12.27 -9.07
N CYS A 36 7.96 11.49 -10.05
CA CYS A 36 8.69 10.27 -10.48
C CYS A 36 10.05 10.65 -11.07
N GLU A 37 10.13 11.78 -11.78
CA GLU A 37 11.43 12.28 -12.30
C GLU A 37 12.35 12.62 -11.11
N HIS A 38 11.89 13.38 -10.12
CA HIS A 38 12.63 13.61 -8.85
C HIS A 38 13.14 12.29 -8.24
N LEU A 39 12.32 11.22 -8.21
CA LEU A 39 12.70 9.94 -7.56
C LEU A 39 13.51 9.03 -8.49
N ASN A 40 13.79 9.48 -9.73
CA ASN A 40 14.43 8.64 -10.80
C ASN A 40 13.68 7.30 -10.89
N LEU A 41 12.36 7.34 -10.94
CA LEU A 41 11.50 6.13 -10.96
C LEU A 41 10.94 5.94 -12.37
N LEU A 42 11.25 4.80 -12.99
CA LEU A 42 10.78 4.45 -14.37
C LEU A 42 9.56 3.52 -14.29
N GLU A 43 9.53 2.57 -13.36
CA GLU A 43 8.41 1.62 -13.24
C GLU A 43 7.27 2.32 -12.47
N LYS A 44 6.66 3.33 -13.08
CA LYS A 44 5.78 4.32 -12.39
C LYS A 44 4.37 3.76 -12.14
N ASP A 45 3.95 2.78 -12.94
CA ASP A 45 2.54 2.33 -13.01
C ASP A 45 2.10 1.68 -11.68
N TYR A 46 3.02 1.21 -10.84
CA TYR A 46 2.68 0.60 -9.53
C TYR A 46 2.38 1.66 -8.46
N PHE A 47 2.65 2.94 -8.73
CA PHE A 47 2.66 4.00 -7.69
C PHE A 47 1.60 5.04 -8.04
N GLY A 48 1.28 5.89 -7.09
CA GLY A 48 0.31 6.97 -7.32
C GLY A 48 0.46 7.99 -6.23
N LEU A 49 -0.37 9.02 -6.28
CA LEU A 49 -0.39 10.08 -5.24
C LEU A 49 -1.71 9.93 -4.49
N THR A 50 -1.68 10.16 -3.18
CA THR A 50 -2.87 10.27 -2.31
C THR A 50 -2.99 11.70 -1.80
N TYR A 51 -4.19 12.06 -1.40
CA TYR A 51 -4.48 13.33 -0.68
C TYR A 51 -5.48 12.98 0.41
N ARG A 52 -5.61 13.85 1.41
CA ARG A 52 -6.61 13.71 2.51
C ARG A 52 -7.70 14.73 2.20
N ASP A 53 -8.96 14.31 2.29
CA ASP A 53 -10.15 15.20 2.26
C ASP A 53 -10.34 15.80 3.66
N ALA A 54 -11.40 16.59 3.84
CA ALA A 54 -11.75 17.28 5.10
C ALA A 54 -12.05 16.23 6.19
N GLU A 55 -12.45 15.02 5.79
CA GLU A 55 -12.76 13.89 6.70
C GLU A 55 -11.43 13.24 7.12
N ASN A 56 -10.33 13.74 6.56
CA ASN A 56 -8.96 13.19 6.75
C ASN A 56 -8.93 11.74 6.24
N GLN A 57 -9.76 11.44 5.23
CA GLN A 57 -9.77 10.12 4.53
C GLN A 57 -8.81 10.19 3.34
N LYS A 58 -8.10 9.09 3.07
CA LYS A 58 -7.11 8.99 1.97
C LYS A 58 -7.88 8.76 0.68
N ASN A 59 -7.58 9.53 -0.36
CA ASN A 59 -8.14 9.33 -1.70
C ASN A 59 -6.97 9.19 -2.67
N TRP A 60 -7.12 8.37 -3.69
CA TRP A 60 -6.14 8.33 -4.79
C TRP A 60 -6.37 9.53 -5.70
N LEU A 61 -5.34 10.29 -6.03
CA LEU A 61 -5.39 11.31 -7.08
C LEU A 61 -5.49 10.57 -8.42
N ASP A 62 -6.59 10.72 -9.13
CA ASP A 62 -6.74 10.07 -10.46
C ASP A 62 -5.83 10.82 -11.43
N PRO A 63 -4.77 10.18 -11.99
CA PRO A 63 -3.86 10.88 -12.88
C PRO A 63 -4.52 11.40 -14.16
N ALA A 64 -5.67 10.85 -14.55
CA ALA A 64 -6.36 11.19 -15.80
C ALA A 64 -7.32 12.36 -15.60
N LYS A 65 -7.49 12.83 -14.35
CA LYS A 65 -8.50 13.86 -14.01
C LYS A 65 -7.78 15.11 -13.53
N GLU A 66 -8.44 16.26 -13.69
CA GLU A 66 -7.93 17.56 -13.19
C GLU A 66 -7.67 17.47 -11.67
N ILE A 67 -6.51 17.93 -11.24
CA ILE A 67 -6.18 18.02 -9.78
C ILE A 67 -7.26 18.86 -9.09
N LYS A 68 -7.66 19.98 -9.70
CA LYS A 68 -8.53 20.97 -9.00
C LYS A 68 -9.90 20.34 -8.72
N LYS A 69 -10.37 19.46 -9.60
CA LYS A 69 -11.70 18.80 -9.52
C LYS A 69 -11.68 17.67 -8.50
N GLN A 70 -10.50 17.34 -7.97
CA GLN A 70 -10.35 16.25 -6.99
C GLN A 70 -10.07 16.88 -5.62
N VAL A 71 -9.09 17.76 -5.52
CA VAL A 71 -8.72 18.28 -4.18
C VAL A 71 -9.81 19.28 -3.75
N ARG A 72 -10.44 19.94 -4.74
CA ARG A 72 -11.66 20.76 -4.57
C ARG A 72 -11.32 21.86 -3.57
N SER A 73 -11.71 21.71 -2.31
CA SER A 73 -11.61 22.78 -1.28
C SER A 73 -10.26 22.69 -0.56
N GLY A 74 -9.57 21.54 -0.62
CA GLY A 74 -8.39 21.22 0.20
C GLY A 74 -7.06 21.82 -0.29
N ALA A 75 -6.01 21.71 0.54
CA ALA A 75 -4.63 22.08 0.20
C ALA A 75 -4.10 21.13 -0.88
N TRP A 76 -3.25 21.62 -1.77
CA TRP A 76 -2.57 20.80 -2.80
C TRP A 76 -1.38 20.10 -2.14
N HIS A 77 -1.71 19.18 -1.23
CA HIS A 77 -0.79 18.44 -0.36
C HIS A 77 -1.08 16.97 -0.63
N PHE A 78 -0.02 16.24 -0.93
CA PHE A 78 -0.13 14.85 -1.43
C PHE A 78 0.92 13.99 -0.75
N SER A 79 0.73 12.67 -0.86
CA SER A 79 1.75 11.67 -0.50
C SER A 79 1.97 10.75 -1.69
N PHE A 80 3.22 10.34 -1.86
CA PHE A 80 3.64 9.36 -2.87
C PHE A 80 3.53 7.98 -2.25
N ASN A 81 2.78 7.09 -2.91
CA ASN A 81 2.50 5.76 -2.32
C ASN A 81 2.52 4.67 -3.38
N VAL A 82 2.71 3.43 -2.92
CA VAL A 82 2.40 2.23 -3.74
C VAL A 82 0.88 2.12 -3.91
N LYS A 83 0.41 2.01 -5.15
CA LYS A 83 -1.01 1.78 -5.45
C LYS A 83 -1.24 0.29 -5.67
N PHE A 84 -0.43 -0.33 -6.51
CA PHE A 84 -0.56 -1.76 -6.91
C PHE A 84 0.67 -2.49 -6.39
N TYR A 85 0.50 -3.30 -5.37
CA TYR A 85 1.61 -4.07 -4.75
C TYR A 85 1.90 -5.27 -5.67
N PRO A 86 3.12 -5.37 -6.21
CA PRO A 86 3.47 -6.49 -7.07
C PRO A 86 3.44 -7.80 -6.30
N PRO A 87 2.71 -8.84 -6.76
CA PRO A 87 2.71 -10.13 -6.08
C PRO A 87 4.11 -10.75 -6.08
N ASP A 88 4.92 -10.42 -7.08
CA ASP A 88 6.30 -11.00 -7.17
C ASP A 88 7.27 -9.88 -7.48
N PRO A 89 7.75 -9.22 -6.41
CA PRO A 89 8.66 -8.08 -6.57
C PRO A 89 10.00 -8.41 -7.22
N ALA A 90 10.44 -9.69 -7.23
CA ALA A 90 11.66 -10.13 -7.94
C ALA A 90 11.54 -9.87 -9.45
N GLN A 91 10.33 -9.76 -9.96
CA GLN A 91 10.11 -9.61 -11.41
C GLN A 91 10.05 -8.13 -11.77
N LEU A 92 10.14 -7.18 -10.83
CA LEU A 92 10.30 -5.77 -11.23
C LEU A 92 11.64 -5.64 -11.96
N SER A 93 11.74 -4.74 -12.94
CA SER A 93 12.96 -4.61 -13.75
C SER A 93 14.05 -3.88 -12.98
N GLU A 94 13.71 -2.96 -12.07
CA GLU A 94 14.76 -2.11 -11.45
C GLU A 94 14.84 -2.24 -9.93
N ASP A 95 16.05 -2.23 -9.40
CA ASP A 95 16.31 -2.23 -7.93
C ASP A 95 15.64 -0.99 -7.32
N ILE A 96 15.65 0.14 -8.00
CA ILE A 96 15.13 1.38 -7.34
C ILE A 96 13.61 1.22 -7.13
N THR A 97 12.93 0.46 -7.99
CA THR A 97 11.50 0.18 -7.83
C THR A 97 11.31 -0.62 -6.55
N ARG A 98 12.14 -1.66 -6.35
CA ARG A 98 12.07 -2.51 -5.15
C ARG A 98 12.37 -1.66 -3.91
N TYR A 99 13.28 -0.69 -4.03
CA TYR A 99 13.66 0.21 -2.91
C TYR A 99 12.42 1.01 -2.43
N TYR A 100 11.72 1.68 -3.34
CA TYR A 100 10.52 2.48 -2.97
C TYR A 100 9.43 1.55 -2.44
N LEU A 101 9.28 0.35 -3.02
CA LEU A 101 8.32 -0.63 -2.47
C LEU A 101 8.69 -0.99 -1.01
N CYS A 102 9.98 -1.22 -0.72
CA CYS A 102 10.47 -1.48 0.67
C CYS A 102 10.09 -0.30 1.56
N LEU A 103 10.30 0.94 1.08
CA LEU A 103 10.00 2.11 1.94
C LEU A 103 8.52 2.10 2.29
N GLN A 104 7.66 1.84 1.30
CA GLN A 104 6.19 1.80 1.53
C GLN A 104 5.86 0.70 2.56
N LEU A 105 6.40 -0.50 2.35
CA LEU A 105 6.16 -1.62 3.28
C LEU A 105 6.65 -1.29 4.70
N ARG A 106 7.74 -0.57 4.85
CA ARG A 106 8.23 -0.20 6.20
C ARG A 106 7.18 0.65 6.90
N ASP A 107 6.51 1.53 6.16
CA ASP A 107 5.44 2.39 6.75
C ASP A 107 4.19 1.55 7.02
N ASP A 108 3.86 0.61 6.12
CA ASP A 108 2.68 -0.27 6.29
C ASP A 108 2.90 -1.06 7.58
N ILE A 109 4.14 -1.42 7.86
CA ILE A 109 4.49 -2.22 9.07
C ILE A 109 4.39 -1.32 10.32
N VAL A 110 5.06 -0.18 10.33
CA VAL A 110 5.11 0.71 11.52
C VAL A 110 3.68 1.18 11.83
N SER A 111 2.88 1.43 10.82
CA SER A 111 1.49 1.93 10.97
C SER A 111 0.54 0.84 11.49
N GLY A 112 0.89 -0.43 11.33
CA GLY A 112 0.04 -1.56 11.73
C GLY A 112 -0.92 -1.97 10.64
N ARG A 113 -0.86 -1.35 9.45
CA ARG A 113 -1.67 -1.79 8.29
C ARG A 113 -1.25 -3.21 7.91
N LEU A 114 0.01 -3.56 8.10
CA LEU A 114 0.59 -4.86 7.71
C LEU A 114 1.03 -5.60 8.98
N PRO A 115 0.14 -6.40 9.57
CA PRO A 115 0.49 -7.07 10.81
C PRO A 115 1.60 -8.08 10.52
N CYS A 116 2.41 -8.30 11.54
N CYS A 116 2.60 -8.12 11.40
CA CYS A 116 3.71 -8.98 11.43
CA CYS A 116 3.72 -9.08 11.36
C CYS A 116 4.01 -9.68 12.75
C CYS A 116 3.86 -9.75 12.73
N SER A 117 4.42 -10.96 12.73
CA SER A 117 4.89 -11.67 13.94
C SER A 117 6.15 -10.99 14.45
N PHE A 118 6.52 -11.23 15.70
CA PHE A 118 7.77 -10.72 16.31
C PHE A 118 8.97 -11.06 15.45
N VAL A 119 9.09 -12.31 15.02
CA VAL A 119 10.29 -12.72 14.26
C VAL A 119 10.29 -12.04 12.88
N THR A 120 9.15 -11.90 12.23
CA THR A 120 9.11 -11.23 10.90
C THR A 120 9.47 -9.76 11.07
N LEU A 121 8.94 -9.08 12.10
CA LEU A 121 9.35 -7.68 12.40
C LEU A 121 10.87 -7.64 12.52
N ALA A 122 11.46 -8.54 13.31
CA ALA A 122 12.92 -8.54 13.56
C ALA A 122 13.67 -8.83 12.24
N LEU A 123 13.18 -9.75 11.42
CA LEU A 123 13.90 -10.14 10.18
C LEU A 123 13.86 -8.99 9.16
N LEU A 124 12.71 -8.42 8.95
CA LEU A 124 12.55 -7.26 8.03
C LEU A 124 13.43 -6.08 8.50
N GLY A 125 13.32 -5.73 9.78
CA GLY A 125 14.19 -4.70 10.38
C GLY A 125 15.67 -5.00 10.13
N SER A 126 16.09 -6.24 10.37
CA SER A 126 17.51 -6.64 10.17
C SER A 126 17.93 -6.43 8.69
N TYR A 127 17.06 -6.72 7.70
CA TYR A 127 17.43 -6.52 6.28
C TYR A 127 17.52 -5.00 5.95
N THR A 128 16.70 -4.20 6.57
CA THR A 128 16.70 -2.72 6.35
C THR A 128 17.99 -2.14 6.90
N VAL A 129 18.37 -2.56 8.11
CA VAL A 129 19.62 -2.09 8.76
C VAL A 129 20.79 -2.52 7.88
N GLN A 130 20.82 -3.76 7.37
CA GLN A 130 21.88 -4.28 6.49
C GLN A 130 21.97 -3.42 5.22
N SER A 131 20.84 -3.16 4.56
N SER A 131 20.83 -3.16 4.58
CA SER A 131 20.80 -2.41 3.29
CA SER A 131 20.73 -2.41 3.29
C SER A 131 21.32 -0.99 3.50
C SER A 131 21.24 -0.98 3.47
N GLU A 132 20.90 -0.34 4.59
CA GLU A 132 21.20 1.10 4.85
C GLU A 132 22.53 1.33 5.58
N LEU A 133 23.00 0.41 6.43
CA LEU A 133 24.24 0.64 7.23
C LEU A 133 25.36 -0.29 6.79
N GLY A 134 25.05 -1.32 6.00
CA GLY A 134 25.96 -2.44 5.71
C GLY A 134 26.23 -3.31 6.92
N ASP A 135 27.42 -3.88 6.95
CA ASP A 135 27.83 -4.93 7.91
C ASP A 135 27.65 -4.46 9.35
N TYR A 136 27.15 -5.35 10.22
CA TYR A 136 27.01 -5.11 11.67
C TYR A 136 28.33 -4.50 12.18
N ASP A 137 28.27 -3.44 12.97
CA ASP A 137 29.44 -2.76 13.59
C ASP A 137 29.21 -2.70 15.10
N PRO A 138 29.96 -3.47 15.93
CA PRO A 138 29.79 -3.44 17.38
C PRO A 138 29.95 -2.04 17.98
N ASP A 139 30.88 -1.24 17.40
CA ASP A 139 31.21 0.15 17.83
C ASP A 139 29.95 1.00 17.79
N GLU A 140 28.95 0.59 17.00
CA GLU A 140 27.63 1.27 16.87
C GLU A 140 26.57 0.49 17.63
N CYS A 141 26.99 -0.37 18.58
CA CYS A 141 26.08 -1.25 19.34
C CYS A 141 26.50 -1.35 20.82
N GLY A 142 25.52 -1.63 21.68
CA GLY A 142 25.70 -1.96 23.11
C GLY A 142 24.54 -2.81 23.60
N SER A 143 24.67 -3.41 24.78
CA SER A 143 23.65 -4.30 25.40
C SER A 143 22.32 -3.55 25.55
N ASP A 144 22.32 -2.23 25.34
CA ASP A 144 21.17 -1.33 25.60
C ASP A 144 20.68 -0.69 24.30
N TYR A 145 21.54 -0.68 23.27
CA TYR A 145 21.33 0.02 21.97
C TYR A 145 19.85 0.09 21.61
N ILE A 146 19.42 1.26 21.10
CA ILE A 146 18.05 1.50 20.53
C ILE A 146 18.21 2.28 19.22
N SER A 147 18.15 1.56 18.09
CA SER A 147 18.30 2.08 16.70
C SER A 147 17.47 3.36 16.52
N GLU A 148 17.71 4.07 15.41
CA GLU A 148 16.93 5.26 15.00
C GLU A 148 15.71 4.73 14.24
N PHE A 149 15.90 3.57 13.57
CA PHE A 149 14.94 2.95 12.62
C PHE A 149 13.71 2.54 13.42
N ARG A 150 12.57 2.86 12.85
CA ARG A 150 11.23 2.40 13.24
C ARG A 150 11.02 1.11 12.46
N PHE A 151 10.56 0.07 13.15
CA PHE A 151 10.52 -1.34 12.71
C PHE A 151 9.15 -1.93 12.96
N ALA A 152 8.36 -1.36 13.88
CA ALA A 152 7.16 -2.04 14.39
C ALA A 152 6.19 -1.01 14.96
N PRO A 153 4.90 -1.35 15.03
CA PRO A 153 3.91 -0.48 15.64
C PRO A 153 4.12 -0.34 17.15
N ASN A 154 4.77 -1.32 17.80
CA ASN A 154 5.05 -1.25 19.26
C ASN A 154 6.42 -1.82 19.52
N HIS A 155 7.39 -0.92 19.62
CA HIS A 155 8.82 -1.24 19.81
C HIS A 155 9.06 -1.74 21.23
N THR A 156 9.81 -2.83 21.33
CA THR A 156 10.25 -3.42 22.62
C THR A 156 11.74 -3.60 22.55
N LYS A 157 12.35 -3.71 23.72
CA LYS A 157 13.80 -3.99 23.80
C LYS A 157 14.04 -5.39 23.24
N GLU A 158 13.12 -6.32 23.49
CA GLU A 158 13.21 -7.70 22.96
C GLU A 158 13.34 -7.63 21.42
N LEU A 159 12.52 -6.79 20.79
CA LEU A 159 12.56 -6.65 19.31
C LEU A 159 13.88 -6.01 18.86
N GLU A 160 14.33 -4.93 19.50
CA GLU A 160 15.62 -4.27 19.16
C GLU A 160 16.79 -5.26 19.23
N ASP A 161 16.85 -6.05 20.30
CA ASP A 161 17.88 -7.09 20.49
C ASP A 161 17.84 -8.08 19.32
N LYS A 162 16.65 -8.50 18.94
CA LYS A 162 16.49 -9.53 17.88
C LYS A 162 16.93 -8.98 16.52
N VAL A 163 16.57 -7.74 16.19
CA VAL A 163 17.10 -7.06 14.96
C VAL A 163 18.63 -7.14 14.96
N ILE A 164 19.27 -6.80 16.08
CA ILE A 164 20.77 -6.78 16.10
C ILE A 164 21.29 -8.21 15.91
N GLU A 165 20.74 -9.20 16.62
CA GLU A 165 21.16 -10.63 16.43
C GLU A 165 21.11 -11.01 14.94
N LEU A 166 20.00 -10.75 14.25
CA LEU A 166 19.84 -11.15 12.84
C LEU A 166 20.77 -10.31 11.95
N HIS A 167 20.95 -9.04 12.24
CA HIS A 167 21.84 -8.16 11.45
C HIS A 167 23.25 -8.76 11.44
N LYS A 168 23.74 -9.24 12.58
CA LYS A 168 25.09 -9.88 12.64
C LYS A 168 25.19 -10.96 11.57
N SER A 169 24.10 -11.69 11.31
CA SER A 169 24.09 -12.86 10.38
C SER A 169 24.19 -12.41 8.92
N HIS A 170 23.91 -11.15 8.59
CA HIS A 170 23.83 -10.72 7.16
C HIS A 170 25.17 -10.19 6.62
N ARG A 171 26.28 -10.41 7.32
CA ARG A 171 27.62 -9.84 6.92
C ARG A 171 27.87 -10.06 5.43
N GLY A 172 28.21 -9.01 4.67
CA GLY A 172 28.59 -9.14 3.25
C GLY A 172 27.43 -8.91 2.29
N MET A 173 26.20 -8.85 2.81
CA MET A 173 24.97 -8.68 1.99
C MET A 173 24.89 -7.23 1.49
N THR A 174 24.62 -7.08 0.21
CA THR A 174 24.58 -5.80 -0.51
C THR A 174 23.17 -5.27 -0.39
N PRO A 175 22.97 -3.94 -0.58
CA PRO A 175 21.66 -3.32 -0.39
C PRO A 175 20.54 -3.93 -1.24
N ALA A 176 20.74 -4.14 -2.55
CA ALA A 176 19.71 -4.72 -3.43
C ALA A 176 19.33 -6.13 -2.97
N GLU A 177 20.31 -6.87 -2.48
CA GLU A 177 20.16 -8.25 -1.98
C GLU A 177 19.34 -8.26 -0.68
N ALA A 178 19.64 -7.35 0.24
CA ALA A 178 18.94 -7.23 1.53
C ALA A 178 17.49 -6.76 1.29
N GLU A 179 17.28 -5.85 0.33
CA GLU A 179 15.92 -5.38 -0.04
C GLU A 179 15.15 -6.51 -0.72
N MET A 180 15.81 -7.34 -1.53
CA MET A 180 15.14 -8.52 -2.14
C MET A 180 14.71 -9.51 -1.04
N HIS A 181 15.55 -9.78 -0.06
CA HIS A 181 15.18 -10.70 1.04
C HIS A 181 14.04 -10.06 1.84
N PHE A 182 14.09 -8.75 2.05
CA PHE A 182 13.01 -8.04 2.74
C PHE A 182 11.70 -8.35 2.02
N LEU A 183 11.67 -8.21 0.69
CA LEU A 183 10.45 -8.32 -0.13
C LEU A 183 10.01 -9.78 -0.23
N GLU A 184 10.96 -10.70 -0.33
CA GLU A 184 10.65 -12.17 -0.32
C GLU A 184 9.89 -12.54 0.96
N ASN A 185 10.24 -11.98 2.10
CA ASN A 185 9.51 -12.20 3.39
C ASN A 185 8.19 -11.41 3.40
N ALA A 186 8.22 -10.11 3.06
CA ALA A 186 7.03 -9.25 3.18
C ALA A 186 5.89 -9.75 2.28
N LYS A 187 6.21 -10.22 1.08
CA LYS A 187 5.19 -10.59 0.06
C LYS A 187 4.39 -11.79 0.57
N LYS A 188 4.87 -12.55 1.56
CA LYS A 188 4.18 -13.79 2.01
C LYS A 188 3.19 -13.48 3.13
N LEU A 189 3.22 -12.28 3.69
CA LEU A 189 2.37 -11.91 4.84
C LEU A 189 0.92 -11.85 4.35
N SER A 190 -0.01 -12.33 5.16
CA SER A 190 -1.41 -12.51 4.74
C SER A 190 -2.00 -11.15 4.34
N MET A 191 -1.53 -10.02 4.91
CA MET A 191 -2.15 -8.70 4.61
C MET A 191 -1.29 -7.89 3.61
N TYR A 192 -0.29 -8.50 2.99
CA TYR A 192 0.55 -7.82 1.98
C TYR A 192 -0.33 -7.29 0.84
N GLY A 193 -0.25 -5.99 0.59
CA GLY A 193 -0.97 -5.30 -0.48
C GLY A 193 -2.49 -5.29 -0.31
N VAL A 194 -3.00 -5.58 0.89
CA VAL A 194 -4.46 -5.63 1.13
C VAL A 194 -4.89 -4.26 1.62
N ASP A 195 -5.75 -3.60 0.84
CA ASP A 195 -6.40 -2.30 1.18
C ASP A 195 -7.73 -2.62 1.88
N LEU A 196 -7.93 -2.22 3.15
CA LEU A 196 -9.10 -2.60 3.98
C LEU A 196 -10.11 -1.45 4.00
N HIS A 197 -11.38 -1.80 3.82
CA HIS A 197 -12.54 -0.88 3.82
C HIS A 197 -13.54 -1.40 4.86
N HIS A 198 -13.88 -0.56 5.84
CA HIS A 198 -14.98 -0.78 6.81
C HIS A 198 -16.30 -0.90 6.06
N ALA A 199 -17.09 -1.90 6.39
CA ALA A 199 -18.39 -2.12 5.74
C ALA A 199 -19.31 -2.91 6.67
N LYS A 200 -20.57 -3.03 6.27
CA LYS A 200 -21.55 -3.97 6.86
C LYS A 200 -22.06 -4.88 5.76
N ASP A 201 -22.28 -6.13 6.12
CA ASP A 201 -22.92 -7.10 5.20
C ASP A 201 -24.42 -6.79 5.15
N SER A 202 -25.14 -7.56 4.34
CA SER A 202 -26.59 -7.46 4.04
C SER A 202 -27.45 -7.55 5.32
N GLU A 203 -26.90 -8.08 6.41
CA GLU A 203 -27.59 -8.28 7.70
C GLU A 203 -27.18 -7.21 8.74
N GLY A 204 -26.37 -6.20 8.36
CA GLY A 204 -25.90 -5.13 9.27
C GLY A 204 -24.72 -5.55 10.15
N VAL A 205 -24.13 -6.73 9.95
CA VAL A 205 -22.93 -7.19 10.71
C VAL A 205 -21.67 -6.50 10.15
N GLU A 206 -20.93 -5.78 11.01
CA GLU A 206 -19.68 -5.07 10.65
C GLU A 206 -18.64 -6.07 10.14
N ILE A 207 -18.00 -5.73 9.03
CA ILE A 207 -16.97 -6.60 8.40
C ILE A 207 -15.84 -5.69 7.91
N MET A 208 -14.78 -6.28 7.36
CA MET A 208 -13.83 -5.49 6.55
C MET A 208 -13.76 -6.11 5.14
N LEU A 209 -13.73 -5.26 4.13
CA LEU A 209 -13.54 -5.66 2.72
C LEU A 209 -12.09 -5.37 2.36
N GLY A 210 -11.36 -6.37 1.89
CA GLY A 210 -9.94 -6.25 1.53
C GLY A 210 -9.81 -6.33 0.03
N VAL A 211 -9.11 -5.37 -0.56
CA VAL A 211 -8.91 -5.36 -2.03
C VAL A 211 -7.43 -5.62 -2.26
N CYS A 212 -7.11 -6.52 -3.16
CA CYS A 212 -5.69 -6.87 -3.41
C CYS A 212 -5.61 -7.51 -4.80
N ALA A 213 -4.39 -7.80 -5.22
CA ALA A 213 -4.10 -8.31 -6.57
C ALA A 213 -4.92 -9.56 -6.90
N SER A 214 -5.13 -10.39 -5.91
CA SER A 214 -5.69 -11.75 -6.11
C SER A 214 -7.23 -11.69 -6.13
N GLY A 215 -7.84 -10.75 -5.39
CA GLY A 215 -9.31 -10.64 -5.39
C GLY A 215 -9.83 -9.77 -4.28
N LEU A 216 -11.07 -10.05 -3.86
CA LEU A 216 -11.73 -9.32 -2.76
C LEU A 216 -11.86 -10.28 -1.58
N LEU A 217 -11.49 -9.79 -0.41
CA LEU A 217 -11.50 -10.60 0.83
C LEU A 217 -12.59 -10.01 1.70
N ILE A 218 -13.35 -10.87 2.39
CA ILE A 218 -14.27 -10.46 3.50
C ILE A 218 -13.66 -10.94 4.82
N TYR A 219 -13.53 -10.02 5.77
CA TYR A 219 -13.13 -10.32 7.17
C TYR A 219 -14.34 -10.05 8.07
N ARG A 220 -15.20 -11.07 8.22
CA ARG A 220 -16.34 -11.09 9.17
C ARG A 220 -15.75 -11.27 10.58
N ASP A 221 -15.24 -12.47 10.87
CA ASP A 221 -14.41 -12.77 12.06
C ASP A 221 -13.25 -13.66 11.60
N ARG A 222 -12.34 -13.99 12.52
CA ARG A 222 -11.11 -14.78 12.24
C ARG A 222 -11.53 -16.17 11.72
N LEU A 223 -12.80 -16.52 11.93
CA LEU A 223 -13.40 -17.83 11.54
C LEU A 223 -14.10 -17.69 10.18
N ARG A 224 -14.92 -16.64 10.04
CA ARG A 224 -15.68 -16.30 8.80
C ARG A 224 -14.82 -15.36 7.94
N ILE A 225 -14.17 -15.89 6.88
CA ILE A 225 -13.34 -15.11 5.92
C ILE A 225 -13.60 -15.61 4.50
N ASN A 226 -14.34 -14.83 3.71
CA ASN A 226 -14.68 -15.11 2.30
C ASN A 226 -13.54 -14.61 1.41
N ARG A 227 -13.30 -15.29 0.29
CA ARG A 227 -12.33 -14.89 -0.77
C ARG A 227 -13.04 -14.99 -2.12
N PHE A 228 -13.10 -13.89 -2.89
CA PHE A 228 -13.61 -13.89 -4.26
C PHE A 228 -12.43 -13.53 -5.18
N ALA A 229 -11.78 -14.56 -5.72
CA ALA A 229 -10.69 -14.39 -6.72
C ALA A 229 -11.28 -13.56 -7.87
N TRP A 230 -10.50 -12.67 -8.48
CA TRP A 230 -10.98 -11.73 -9.51
C TRP A 230 -11.72 -12.48 -10.64
N PRO A 231 -11.27 -13.68 -11.07
CA PRO A 231 -11.94 -14.43 -12.14
C PRO A 231 -13.44 -14.59 -11.87
N LYS A 232 -13.81 -14.79 -10.60
CA LYS A 232 -15.23 -14.98 -10.18
C LYS A 232 -16.01 -13.67 -10.26
N VAL A 233 -15.39 -12.50 -10.41
CA VAL A 233 -16.08 -11.16 -10.29
C VAL A 233 -16.37 -10.58 -11.68
N LEU A 234 -17.66 -10.53 -12.05
CA LEU A 234 -18.10 -10.06 -13.39
C LEU A 234 -18.32 -8.54 -13.37
N LYS A 235 -18.88 -8.02 -12.28
CA LYS A 235 -19.28 -6.60 -12.24
C LYS A 235 -19.18 -6.10 -10.80
N ILE A 236 -18.70 -4.87 -10.67
CA ILE A 236 -18.53 -4.12 -9.39
C ILE A 236 -19.30 -2.81 -9.57
N SER A 237 -20.23 -2.51 -8.66
CA SER A 237 -21.12 -1.33 -8.77
C SER A 237 -21.31 -0.70 -7.39
N TYR A 238 -21.65 0.59 -7.34
CA TYR A 238 -22.12 1.23 -6.09
C TYR A 238 -23.44 1.95 -6.39
N LYS A 239 -24.26 2.11 -5.35
CA LYS A 239 -25.49 2.94 -5.41
C LYS A 239 -25.72 3.54 -4.03
N ARG A 240 -25.86 4.86 -3.93
CA ARG A 240 -26.06 5.51 -2.62
C ARG A 240 -24.90 5.04 -1.73
N ASN A 241 -25.16 4.47 -0.55
CA ASN A 241 -24.12 3.95 0.35
C ASN A 241 -23.87 2.45 0.12
N ASN A 242 -24.43 1.87 -0.94
CA ASN A 242 -24.35 0.40 -1.17
C ASN A 242 -23.28 0.08 -2.21
N PHE A 243 -22.60 -1.05 -2.01
CA PHE A 243 -21.57 -1.61 -2.90
C PHE A 243 -21.98 -3.05 -3.22
N TYR A 244 -21.95 -3.42 -4.50
CA TYR A 244 -22.35 -4.78 -4.93
C TYR A 244 -21.25 -5.43 -5.76
N ILE A 245 -21.13 -6.74 -5.62
CA ILE A 245 -20.31 -7.57 -6.53
C ILE A 245 -21.20 -8.68 -7.08
N LYS A 246 -21.14 -8.85 -8.39
CA LYS A 246 -21.80 -9.93 -9.18
C LYS A 246 -20.77 -11.08 -9.30
N ILE A 247 -21.12 -12.24 -8.72
CA ILE A 247 -20.27 -13.44 -8.45
C ILE A 247 -20.71 -14.62 -9.35
N ARG A 248 -19.77 -15.14 -10.12
CA ARG A 248 -20.00 -16.11 -11.23
C ARG A 248 -20.82 -17.29 -10.72
N PRO A 249 -21.75 -17.79 -11.56
CA PRO A 249 -22.45 -19.03 -11.24
C PRO A 249 -21.38 -20.09 -10.98
N GLY A 250 -21.57 -20.91 -9.95
CA GLY A 250 -20.81 -22.16 -9.82
C GLY A 250 -20.92 -22.98 -11.09
N GLU A 251 -19.82 -23.64 -11.50
CA GLU A 251 -19.87 -24.77 -12.45
C GLU A 251 -21.28 -25.40 -12.46
N PHE A 252 -21.95 -25.37 -13.62
CA PHE A 252 -23.27 -26.03 -13.86
C PHE A 252 -24.42 -25.24 -13.22
N GLU A 253 -24.19 -24.05 -12.65
CA GLU A 253 -25.30 -23.24 -12.08
C GLU A 253 -25.81 -22.26 -13.14
N GLN A 254 -27.10 -21.92 -13.07
CA GLN A 254 -27.80 -21.19 -14.14
C GLN A 254 -27.54 -19.68 -14.03
N PHE A 255 -27.44 -19.14 -12.80
CA PHE A 255 -27.47 -17.68 -12.54
C PHE A 255 -26.25 -17.18 -11.75
N GLU A 256 -25.76 -16.01 -12.16
CA GLU A 256 -24.87 -15.12 -11.35
C GLU A 256 -25.49 -14.94 -9.97
N SER A 257 -24.70 -14.64 -8.95
CA SER A 257 -25.19 -14.14 -7.64
C SER A 257 -24.64 -12.73 -7.43
N THR A 258 -25.41 -11.88 -6.74
CA THR A 258 -25.01 -10.48 -6.42
C THR A 258 -24.87 -10.43 -4.89
N ILE A 259 -23.74 -9.95 -4.39
CA ILE A 259 -23.52 -9.78 -2.92
C ILE A 259 -23.45 -8.28 -2.64
N GLY A 260 -24.20 -7.83 -1.64
CA GLY A 260 -24.41 -6.41 -1.30
C GLY A 260 -23.82 -6.05 0.05
N PHE A 261 -23.29 -4.84 0.15
CA PHE A 261 -22.60 -4.33 1.36
C PHE A 261 -23.01 -2.87 1.61
N LYS A 262 -23.05 -2.52 2.89
CA LYS A 262 -23.34 -1.15 3.37
C LYS A 262 -22.01 -0.49 3.71
N LEU A 263 -21.74 0.66 3.10
CA LEU A 263 -20.54 1.45 3.41
C LEU A 263 -20.94 2.61 4.30
N PRO A 264 -19.97 3.17 5.05
CA PRO A 264 -20.18 4.36 5.89
C PRO A 264 -20.89 5.53 5.19
N ASN A 265 -20.74 5.70 3.87
CA ASN A 265 -21.41 6.80 3.12
C ASN A 265 -21.19 6.58 1.63
N HIS A 266 -21.77 7.44 0.80
CA HIS A 266 -21.70 7.42 -0.68
C HIS A 266 -20.23 7.54 -1.14
N ARG A 267 -19.42 8.35 -0.44
CA ARG A 267 -18.03 8.64 -0.87
C ARG A 267 -17.18 7.40 -0.61
N ALA A 268 -17.31 6.80 0.57
CA ALA A 268 -16.67 5.52 0.96
C ALA A 268 -17.07 4.38 -0.01
N ALA A 269 -18.33 4.35 -0.50
CA ALA A 269 -18.79 3.35 -1.49
C ALA A 269 -18.09 3.63 -2.81
N LYS A 270 -17.97 4.90 -3.17
CA LYS A 270 -17.40 5.24 -4.49
C LYS A 270 -15.91 4.89 -4.46
N ARG A 271 -15.25 5.17 -3.34
CA ARG A 271 -13.79 4.95 -3.07
C ARG A 271 -13.48 3.45 -3.21
N LEU A 272 -14.22 2.62 -2.49
CA LEU A 272 -14.10 1.15 -2.64
C LEU A 272 -14.32 0.70 -4.10
N TRP A 273 -15.38 1.16 -4.78
CA TRP A 273 -15.66 0.69 -6.14
C TRP A 273 -14.47 1.04 -7.06
N LYS A 274 -13.92 2.24 -6.91
CA LYS A 274 -12.85 2.67 -7.85
C LYS A 274 -11.63 1.76 -7.64
N VAL A 275 -11.27 1.50 -6.39
CA VAL A 275 -10.04 0.71 -6.10
C VAL A 275 -10.27 -0.73 -6.57
N CYS A 276 -11.50 -1.24 -6.50
CA CYS A 276 -11.81 -2.60 -6.97
C CYS A 276 -11.63 -2.68 -8.48
N VAL A 277 -12.19 -1.73 -9.21
CA VAL A 277 -12.10 -1.71 -10.69
C VAL A 277 -10.62 -1.69 -11.08
N GLU A 278 -9.84 -0.83 -10.43
CA GLU A 278 -8.40 -0.62 -10.76
C GLU A 278 -7.61 -1.89 -10.46
N HIS A 279 -7.86 -2.54 -9.32
CA HIS A 279 -7.22 -3.83 -9.01
C HIS A 279 -7.59 -4.97 -9.96
N HIS A 280 -8.88 -5.07 -10.32
CA HIS A 280 -9.41 -6.12 -11.25
C HIS A 280 -8.66 -6.01 -12.58
N THR A 281 -8.45 -4.78 -13.06
CA THR A 281 -7.71 -4.52 -14.32
C THR A 281 -6.28 -5.02 -14.14
N PHE A 282 -5.64 -4.66 -13.02
CA PHE A 282 -4.24 -5.06 -12.70
C PHE A 282 -4.15 -6.58 -12.78
N PHE A 283 -5.11 -7.28 -12.17
CA PHE A 283 -5.15 -8.77 -12.16
C PHE A 283 -5.14 -9.32 -13.60
N ARG A 284 -5.93 -8.76 -14.51
CA ARG A 284 -6.01 -9.37 -15.87
C ARG A 284 -4.74 -9.07 -16.67
N LEU A 285 -3.80 -8.26 -16.15
CA LEU A 285 -2.50 -7.94 -16.82
C LEU A 285 -1.36 -8.81 -16.27
N LEU A 286 -1.59 -9.58 -15.20
CA LEU A 286 -0.58 -10.46 -14.58
C LEU A 286 -0.46 -11.74 -15.40
#